data_7OKR
#
_entry.id   7OKR
#
_cell.length_a   71.003
_cell.length_b   71.003
_cell.length_c   100.203
_cell.angle_alpha   90.000
_cell.angle_beta   90.000
_cell.angle_gamma   120.000
#
_symmetry.space_group_name_H-M   'P 65'
#
loop_
_entity.id
_entity.type
_entity.pdbx_description
1 polymer 'Chitinase B'
2 non-polymer DI(HYDROXYETHYL)ETHER
3 non-polymer 'COPPER (II) ION'
4 water water
#
_entity_poly.entity_id   1
_entity_poly.type   'polypeptide(L)'
_entity_poly.pdbx_seq_one_letter_code
;MTNTIKINSLTIAFVGALSSMGVQAHGWVEYPSARQNTCYLDGGFWDNTIPNQACQSAFDESGAFPFVQRNEVAANVPNY
KDMAHVQAIVRDGNLCSAGDKAKSGLNMGSTHWQKTAITLDENNQLELVFNATAPHNPSYWQFYLSNVNYDPTVPLTWGD
LDVVDTAGDIIVGDDKKYRIKITLPADRADSAVLYTRWQREDAAGEGFYNCSDIAFDGAGTTPPGPIDPVEPPPQYSDLG
YYIGQGFGPVESGDSVRFRTFDATGAETTDISLAITVNNTATWSAELAGQFNQLKNKAWFIGIWHQEMNHYMYDTINIYA
NRVFAPKANLSYQLSLIKADITPPVEPPVEPTNQWDKNNAYQARESVTHQGGTWVAQWWTKGEEPGKTGEWGVWR
;
_entity_poly.pdbx_strand_id   AAA
#
loop_
_chem_comp.id
_chem_comp.type
_chem_comp.name
_chem_comp.formula
CU non-polymer 'COPPER (II) ION' 'Cu 2'
PEG non-polymer DI(HYDROXYETHYL)ETHER 'C4 H10 O3'
#
# COMPACT_ATOMS: atom_id res chain seq x y z
N HIS A 26 7.47 7.00 -8.76
CA HIS A 26 6.22 6.37 -9.30
C HIS A 26 6.39 4.86 -9.34
N GLY A 27 5.48 4.17 -8.69
CA GLY A 27 5.46 2.73 -8.78
C GLY A 27 4.44 2.17 -7.80
N TRP A 28 4.40 0.85 -7.70
CA TRP A 28 3.46 0.12 -6.84
C TRP A 28 4.10 -1.17 -6.27
N VAL A 29 3.53 -1.67 -5.19
CA VAL A 29 3.94 -2.97 -4.66
C VAL A 29 3.36 -4.03 -5.62
N GLU A 30 4.27 -4.74 -6.26
CA GLU A 30 3.89 -5.81 -7.21
C GLU A 30 3.73 -7.14 -6.45
N TYR A 31 4.56 -7.40 -5.43
CA TYR A 31 4.41 -8.58 -4.56
C TYR A 31 4.72 -8.18 -3.15
N PRO A 32 3.76 -8.33 -2.21
CA PRO A 32 2.39 -8.77 -2.41
C PRO A 32 1.54 -7.64 -3.03
N SER A 33 0.86 -7.90 -4.11
CA SER A 33 0.24 -6.91 -4.98
C SER A 33 -0.59 -5.92 -4.18
N ALA A 34 -0.35 -4.63 -4.44
CA ALA A 34 -1.15 -3.56 -3.88
C ALA A 34 -2.59 -3.64 -4.38
N ARG A 35 -3.49 -3.15 -3.55
CA ARG A 35 -4.95 -3.22 -3.80
C ARG A 35 -5.29 -2.68 -5.20
N GLN A 36 -4.78 -1.50 -5.48
CA GLN A 36 -5.10 -0.86 -6.73
C GLN A 36 -4.44 -1.57 -7.91
N ASN A 37 -3.33 -2.23 -7.68
CA ASN A 37 -2.68 -3.00 -8.75
C ASN A 37 -3.52 -4.27 -9.06
N THR A 38 -4.04 -4.95 -8.04
CA THR A 38 -4.88 -6.12 -8.27
C THR A 38 -6.11 -5.69 -9.07
N CYS A 39 -6.79 -4.59 -8.72
N CYS A 39 -6.74 -4.61 -8.65
CA CYS A 39 -8.02 -4.16 -9.48
CA CYS A 39 -7.92 -4.10 -9.40
C CYS A 39 -7.66 -3.71 -10.90
C CYS A 39 -7.54 -3.90 -10.88
N TYR A 40 -6.44 -3.22 -11.13
CA TYR A 40 -6.01 -2.87 -12.49
C TYR A 40 -5.84 -4.16 -13.30
N LEU A 41 -5.06 -5.06 -12.74
CA LEU A 41 -4.63 -6.27 -13.51
C LEU A 41 -5.83 -7.21 -13.71
N ASP A 42 -6.85 -7.12 -12.87
CA ASP A 42 -8.07 -7.94 -13.09
C ASP A 42 -8.88 -7.43 -14.28
N GLY A 43 -8.72 -6.16 -14.63
CA GLY A 43 -9.50 -5.56 -15.71
C GLY A 43 -11.02 -5.56 -15.51
N GLY A 44 -11.69 -5.35 -16.64
CA GLY A 44 -13.16 -5.32 -16.67
C GLY A 44 -13.76 -3.96 -16.53
N PHE A 45 -13.00 -2.94 -16.12
CA PHE A 45 -13.59 -1.66 -15.69
C PHE A 45 -13.92 -0.77 -16.88
N TRP A 46 -13.61 -1.20 -18.12
CA TRP A 46 -14.04 -0.40 -19.30
C TRP A 46 -15.32 -0.96 -19.91
N ASP A 47 -15.70 -2.18 -19.55
CA ASP A 47 -16.85 -2.81 -20.26
C ASP A 47 -17.77 -3.52 -19.27
N ASN A 48 -17.73 -3.15 -17.98
CA ASN A 48 -18.70 -3.68 -16.99
C ASN A 48 -18.52 -5.20 -16.83
N THR A 49 -17.26 -5.64 -16.80
CA THR A 49 -16.90 -7.06 -16.54
C THR A 49 -15.93 -7.15 -15.36
N ILE A 50 -16.01 -6.27 -14.39
CA ILE A 50 -15.10 -6.33 -13.20
C ILE A 50 -15.38 -7.63 -12.46
N PRO A 51 -14.37 -8.49 -12.25
CA PRO A 51 -14.63 -9.77 -11.58
C PRO A 51 -14.86 -9.79 -10.07
N ASN A 52 -14.32 -8.82 -9.38
CA ASN A 52 -14.29 -8.83 -7.89
C ASN A 52 -15.18 -7.73 -7.31
N GLN A 53 -15.93 -8.02 -6.25
N GLN A 53 -15.97 -8.10 -6.30
CA GLN A 53 -16.99 -7.09 -5.78
CA GLN A 53 -16.95 -7.19 -5.67
C GLN A 53 -16.39 -5.96 -4.94
C GLN A 53 -16.26 -5.94 -5.15
N ALA A 54 -15.18 -6.09 -4.39
CA ALA A 54 -14.53 -4.93 -3.77
C ALA A 54 -13.99 -3.96 -4.85
N CYS A 55 -13.42 -4.54 -5.92
N CYS A 55 -13.30 -4.45 -5.88
CA CYS A 55 -12.92 -3.79 -7.10
CA CYS A 55 -12.94 -3.49 -6.95
C CYS A 55 -14.11 -3.02 -7.74
C CYS A 55 -14.25 -2.87 -7.47
N GLN A 56 -15.27 -3.66 -7.81
CA GLN A 56 -16.50 -3.06 -8.35
C GLN A 56 -16.94 -1.88 -7.48
N SER A 57 -16.89 -2.08 -6.16
CA SER A 57 -17.39 -1.00 -5.30
C SER A 57 -16.43 0.20 -5.40
N ALA A 58 -15.11 -0.04 -5.47
CA ALA A 58 -14.12 1.05 -5.61
C ALA A 58 -14.41 1.78 -6.92
N PHE A 59 -14.62 1.03 -7.99
CA PHE A 59 -14.93 1.62 -9.31
C PHE A 59 -16.20 2.47 -9.22
N ASP A 60 -17.19 1.96 -8.48
CA ASP A 60 -18.49 2.66 -8.37
C ASP A 60 -18.28 4.04 -7.75
N GLU A 61 -17.26 4.20 -6.91
N GLU A 61 -17.32 4.17 -6.84
CA GLU A 61 -17.02 5.42 -6.09
CA GLU A 61 -17.02 5.45 -6.15
C GLU A 61 -16.04 6.35 -6.84
C GLU A 61 -16.21 6.34 -7.10
N SER A 62 -15.08 5.79 -7.59
CA SER A 62 -13.95 6.57 -8.17
C SER A 62 -13.73 6.36 -9.67
N GLY A 63 -14.44 5.43 -10.29
CA GLY A 63 -14.12 5.06 -11.66
C GLY A 63 -12.78 4.40 -11.86
N ALA A 64 -12.28 4.41 -13.10
CA ALA A 64 -11.02 3.75 -13.47
C ALA A 64 -9.79 4.48 -12.97
N PHE A 65 -9.91 5.75 -12.57
CA PHE A 65 -8.73 6.56 -12.17
C PHE A 65 -7.79 5.86 -11.20
N PRO A 66 -8.25 5.34 -10.05
CA PRO A 66 -7.29 4.76 -9.13
C PRO A 66 -6.52 3.56 -9.70
N PHE A 67 -7.15 2.84 -10.62
CA PHE A 67 -6.57 1.62 -11.21
C PHE A 67 -5.56 2.00 -12.28
N VAL A 68 -5.94 2.92 -13.17
CA VAL A 68 -4.98 3.32 -14.22
C VAL A 68 -3.85 4.15 -13.65
N GLN A 69 -4.06 4.75 -12.48
N GLN A 69 -4.10 4.81 -12.51
CA GLN A 69 -3.00 5.53 -11.78
CA GLN A 69 -3.09 5.56 -11.73
C GLN A 69 -2.37 4.67 -10.69
C GLN A 69 -2.51 4.65 -10.64
N ARG A 70 -2.23 3.39 -10.96
CA ARG A 70 -1.73 2.42 -9.95
C ARG A 70 -0.37 2.81 -9.36
N ASN A 71 0.38 3.62 -10.12
CA ASN A 71 1.75 4.01 -9.79
C ASN A 71 1.83 5.39 -9.13
N GLU A 72 0.72 6.06 -8.85
N GLU A 72 0.68 5.88 -8.65
CA GLU A 72 0.79 7.41 -8.23
CA GLU A 72 0.50 7.33 -8.32
C GLU A 72 -0.22 7.46 -7.08
C GLU A 72 -0.21 7.51 -6.98
N VAL A 73 -0.14 6.49 -6.13
CA VAL A 73 -0.87 6.58 -4.87
C VAL A 73 0.10 7.32 -3.96
N ALA A 74 0.10 8.63 -4.07
CA ALA A 74 1.18 9.47 -3.58
C ALA A 74 0.63 10.71 -2.85
N ALA A 75 1.46 11.25 -1.95
CA ALA A 75 1.19 12.46 -1.14
C ALA A 75 2.51 13.18 -0.90
N ASN A 76 2.47 14.49 -0.84
CA ASN A 76 3.69 15.25 -0.56
C ASN A 76 3.63 15.69 0.89
N VAL A 77 4.66 15.33 1.64
CA VAL A 77 4.91 15.79 3.03
C VAL A 77 6.30 16.40 3.12
N PRO A 78 6.44 17.74 2.98
CA PRO A 78 7.75 18.37 3.10
C PRO A 78 8.51 18.00 4.38
N ASN A 79 7.81 17.92 5.51
N ASN A 79 7.83 17.94 5.52
CA ASN A 79 8.43 17.53 6.80
CA ASN A 79 8.45 17.57 6.83
C ASN A 79 8.22 16.02 6.97
C ASN A 79 8.31 16.05 7.03
N TYR A 80 8.86 15.25 6.09
CA TYR A 80 8.53 13.80 5.93
C TYR A 80 9.08 12.98 7.10
N LYS A 81 10.03 13.51 7.86
CA LYS A 81 10.58 12.71 8.97
C LYS A 81 9.64 12.78 10.19
N ASP A 82 8.66 13.68 10.18
N ASP A 82 8.71 13.74 10.25
CA ASP A 82 7.77 13.93 11.35
CA ASP A 82 7.79 13.89 11.42
C ASP A 82 6.45 13.19 11.11
C ASP A 82 6.51 13.10 11.16
N MET A 83 6.20 12.08 11.78
N MET A 83 6.22 12.09 11.98
CA MET A 83 4.96 11.29 11.49
CA MET A 83 5.03 11.19 11.86
C MET A 83 3.69 12.13 11.80
C MET A 83 3.73 12.01 11.93
N ALA A 84 3.75 13.10 12.71
CA ALA A 84 2.57 13.97 12.93
C ALA A 84 2.25 14.74 11.63
N HIS A 85 3.25 15.15 10.86
CA HIS A 85 3.02 15.86 9.57
C HIS A 85 2.49 14.86 8.53
N VAL A 86 3.04 13.64 8.49
CA VAL A 86 2.58 12.56 7.57
C VAL A 86 1.08 12.35 7.83
N GLN A 87 0.71 12.17 9.10
N GLN A 87 0.68 12.23 9.09
CA GLN A 87 -0.68 11.76 9.46
CA GLN A 87 -0.69 11.80 9.46
C GLN A 87 -1.65 12.95 9.26
C GLN A 87 -1.66 12.98 9.47
N ALA A 88 -1.17 14.19 9.22
CA ALA A 88 -2.04 15.35 8.91
C ALA A 88 -2.40 15.35 7.42
N ILE A 89 -1.57 14.75 6.56
CA ILE A 89 -1.74 14.79 5.08
C ILE A 89 -2.44 13.50 4.57
N VAL A 90 -1.94 12.36 5.02
CA VAL A 90 -2.53 11.03 4.76
C VAL A 90 -3.33 10.70 6.01
N ARG A 91 -4.57 11.16 6.10
N ARG A 91 -4.64 11.01 5.96
CA ARG A 91 -5.28 11.02 7.38
CA ARG A 91 -5.53 11.08 7.15
C ARG A 91 -5.97 9.66 7.42
C ARG A 91 -6.25 9.75 7.37
N ASP A 92 -6.47 9.35 8.61
CA ASP A 92 -7.24 8.12 8.90
C ASP A 92 -8.44 7.96 7.98
N GLY A 93 -8.64 6.75 7.49
CA GLY A 93 -9.67 6.37 6.53
C GLY A 93 -9.26 6.69 5.10
N ASN A 94 -8.09 7.30 4.90
CA ASN A 94 -7.61 7.66 3.55
C ASN A 94 -6.19 7.16 3.30
N LEU A 95 -5.79 6.14 4.04
CA LEU A 95 -4.39 5.65 3.87
C LEU A 95 -4.20 4.98 2.51
N CYS A 96 -5.26 4.26 2.09
N CYS A 96 -5.16 4.19 2.03
CA CYS A 96 -5.31 3.34 0.93
CA CYS A 96 -4.89 3.41 0.81
C CYS A 96 -5.35 4.17 -0.38
C CYS A 96 -4.94 4.29 -0.43
N SER A 97 -5.51 5.48 -0.27
CA SER A 97 -5.57 6.46 -1.40
C SER A 97 -4.48 7.51 -1.26
N ALA A 98 -3.66 7.41 -0.19
CA ALA A 98 -2.70 8.46 0.17
C ALA A 98 -3.34 9.87 0.20
N GLY A 99 -4.58 9.93 0.68
CA GLY A 99 -5.27 11.19 0.87
C GLY A 99 -5.85 11.75 -0.41
N ASP A 100 -5.81 11.07 -1.56
CA ASP A 100 -6.38 11.64 -2.82
C ASP A 100 -7.87 11.31 -2.91
N LYS A 101 -8.68 12.37 -2.90
N LYS A 101 -8.75 12.29 -2.89
CA LYS A 101 -10.16 12.29 -2.96
CA LYS A 101 -10.21 11.97 -2.92
C LYS A 101 -10.60 11.52 -4.22
C LYS A 101 -10.56 11.31 -4.25
N ALA A 102 -9.81 11.60 -5.30
CA ALA A 102 -10.11 10.93 -6.59
C ALA A 102 -9.80 9.44 -6.53
N LYS A 103 -9.13 8.95 -5.53
CA LYS A 103 -8.86 7.49 -5.37
C LYS A 103 -9.63 6.92 -4.17
N SER A 104 -10.64 7.61 -3.67
CA SER A 104 -11.25 7.29 -2.37
C SER A 104 -11.82 5.88 -2.37
N GLY A 105 -12.21 5.38 -3.54
CA GLY A 105 -12.75 3.99 -3.54
C GLY A 105 -11.79 2.95 -2.98
N LEU A 106 -10.52 3.21 -3.11
CA LEU A 106 -9.51 2.27 -2.55
C LEU A 106 -9.64 2.07 -1.05
N ASN A 107 -10.20 3.05 -0.35
CA ASN A 107 -10.22 2.99 1.13
C ASN A 107 -11.38 2.20 1.71
N MET A 108 -12.30 1.72 0.88
N MET A 108 -12.33 1.83 0.86
CA MET A 108 -13.58 1.14 1.35
CA MET A 108 -13.52 1.03 1.23
C MET A 108 -13.30 -0.19 2.05
C MET A 108 -13.12 -0.13 2.17
N GLY A 109 -13.96 -0.37 3.18
CA GLY A 109 -13.90 -1.62 3.91
C GLY A 109 -14.63 -2.67 3.12
N SER A 110 -14.10 -3.89 3.16
CA SER A 110 -14.72 -5.02 2.43
C SER A 110 -14.14 -6.30 3.01
N THR A 111 -14.93 -7.35 3.06
CA THR A 111 -14.39 -8.71 3.31
C THR A 111 -13.87 -9.30 2.00
N HIS A 112 -14.08 -8.64 0.86
CA HIS A 112 -13.86 -9.29 -0.46
C HIS A 112 -12.58 -8.80 -1.16
N TRP A 113 -11.80 -7.91 -0.53
CA TRP A 113 -10.52 -7.54 -1.16
C TRP A 113 -9.72 -8.83 -1.41
N GLN A 114 -9.16 -9.01 -2.59
CA GLN A 114 -8.39 -10.25 -2.85
C GLN A 114 -7.05 -10.17 -2.11
N LYS A 115 -6.72 -11.27 -1.48
CA LYS A 115 -5.52 -11.37 -0.65
C LYS A 115 -4.44 -12.22 -1.31
N THR A 116 -3.20 -11.83 -1.13
CA THR A 116 -2.03 -12.67 -1.45
C THR A 116 -1.76 -13.57 -0.24
N ALA A 117 -1.69 -14.88 -0.49
CA ALA A 117 -1.37 -15.84 0.56
C ALA A 117 0.12 -15.70 0.80
N ILE A 118 0.50 -15.55 2.07
CA ILE A 118 1.89 -15.30 2.51
C ILE A 118 2.33 -16.49 3.36
N THR A 119 3.44 -17.09 2.97
CA THR A 119 4.23 -18.02 3.83
C THR A 119 5.63 -17.47 3.95
N LEU A 120 6.04 -17.12 5.15
CA LEU A 120 7.36 -16.52 5.38
C LEU A 120 8.45 -17.57 5.19
N ASP A 121 9.66 -17.16 4.83
CA ASP A 121 10.84 -18.06 4.69
C ASP A 121 11.34 -18.49 6.09
N GLU A 122 12.42 -19.29 6.14
CA GLU A 122 12.95 -19.83 7.42
C GLU A 122 13.46 -18.67 8.28
N ASN A 123 13.66 -17.46 7.75
CA ASN A 123 14.13 -16.32 8.57
C ASN A 123 12.96 -15.35 8.84
N ASN A 124 11.74 -15.79 8.63
CA ASN A 124 10.52 -14.97 8.87
C ASN A 124 10.47 -13.78 7.90
N GLN A 125 11.00 -13.96 6.70
CA GLN A 125 11.03 -12.87 5.72
C GLN A 125 10.22 -13.17 4.47
N LEU A 126 9.87 -12.12 3.72
N LEU A 126 9.81 -12.05 3.88
CA LEU A 126 9.44 -12.23 2.32
CA LEU A 126 9.14 -11.93 2.58
C LEU A 126 10.24 -11.22 1.49
C LEU A 126 9.98 -10.95 1.75
N GLU A 127 10.42 -11.50 0.21
N GLU A 127 10.25 -11.27 0.49
CA GLU A 127 11.00 -10.52 -0.72
CA GLU A 127 11.04 -10.38 -0.40
C GLU A 127 9.84 -9.67 -1.25
C GLU A 127 10.08 -9.61 -1.29
N LEU A 128 9.73 -8.42 -0.81
CA LEU A 128 8.77 -7.47 -1.37
C LEU A 128 9.37 -6.96 -2.69
N VAL A 129 8.53 -6.90 -3.70
CA VAL A 129 8.91 -6.38 -5.03
C VAL A 129 8.07 -5.15 -5.35
N PHE A 130 8.75 -4.04 -5.55
CA PHE A 130 8.09 -2.76 -5.84
C PHE A 130 8.49 -2.40 -7.27
N ASN A 131 7.50 -2.37 -8.17
CA ASN A 131 7.76 -2.05 -9.58
C ASN A 131 7.71 -0.53 -9.74
N ALA A 132 8.84 0.05 -10.15
CA ALA A 132 8.92 1.51 -10.30
C ALA A 132 8.91 1.89 -11.79
N THR A 133 7.98 2.72 -12.22
CA THR A 133 8.09 3.34 -13.56
C THR A 133 9.04 4.54 -13.49
N ALA A 134 9.17 5.17 -12.31
CA ALA A 134 10.10 6.30 -12.14
C ALA A 134 10.86 6.02 -10.85
N PRO A 135 12.00 5.35 -10.94
CA PRO A 135 12.81 5.17 -9.74
C PRO A 135 13.20 6.54 -9.13
N HIS A 136 13.34 6.59 -7.80
CA HIS A 136 13.67 7.84 -7.07
C HIS A 136 14.66 7.51 -5.96
N ASN A 137 15.80 8.14 -6.02
CA ASN A 137 16.84 7.99 -4.99
C ASN A 137 17.52 9.34 -4.83
N PRO A 138 17.83 9.79 -3.61
CA PRO A 138 17.63 9.02 -2.38
C PRO A 138 16.18 8.90 -1.89
N SER A 139 15.91 7.77 -1.24
CA SER A 139 14.59 7.47 -0.68
C SER A 139 14.76 6.46 0.47
N TYR A 140 13.66 6.28 1.20
CA TYR A 140 13.65 5.23 2.23
C TYR A 140 12.24 4.66 2.35
N TRP A 141 12.17 3.57 3.11
CA TRP A 141 11.00 2.69 3.14
C TRP A 141 10.56 2.48 4.58
N GLN A 142 9.25 2.46 4.77
CA GLN A 142 8.68 1.99 6.04
C GLN A 142 7.57 0.99 5.73
N PHE A 143 7.53 -0.08 6.48
CA PHE A 143 6.55 -1.17 6.31
C PHE A 143 5.74 -1.32 7.59
N TYR A 144 4.44 -1.16 7.49
CA TYR A 144 3.46 -1.28 8.56
C TYR A 144 2.54 -2.48 8.33
N LEU A 145 2.03 -3.03 9.38
CA LEU A 145 1.12 -4.16 9.36
C LEU A 145 -0.07 -3.89 10.25
N SER A 146 -1.27 -4.10 9.74
CA SER A 146 -2.48 -3.96 10.59
C SER A 146 -2.39 -4.97 11.75
N ASN A 147 -2.88 -4.55 12.90
CA ASN A 147 -2.84 -5.42 14.07
C ASN A 147 -3.96 -6.46 14.06
N VAL A 148 -3.88 -7.38 15.04
N VAL A 148 -3.88 -7.43 14.98
CA VAL A 148 -4.77 -8.58 15.13
CA VAL A 148 -4.82 -8.58 14.91
C VAL A 148 -6.23 -8.17 15.37
C VAL A 148 -6.26 -8.12 15.23
N ASN A 149 -6.46 -6.95 15.86
CA ASN A 149 -7.80 -6.41 16.21
C ASN A 149 -8.39 -5.62 15.02
N TYR A 150 -7.66 -5.40 13.90
CA TYR A 150 -8.18 -4.63 12.77
C TYR A 150 -9.36 -5.37 12.08
N ASP A 151 -10.47 -4.65 11.88
CA ASP A 151 -11.70 -5.13 11.22
C ASP A 151 -11.67 -4.66 9.78
N PRO A 152 -11.53 -5.55 8.79
CA PRO A 152 -11.37 -5.13 7.41
C PRO A 152 -12.61 -4.47 6.82
N THR A 153 -13.75 -4.52 7.52
CA THR A 153 -14.94 -3.82 7.04
C THR A 153 -14.88 -2.32 7.35
N VAL A 154 -13.86 -1.91 8.10
CA VAL A 154 -13.64 -0.50 8.49
C VAL A 154 -12.41 -0.01 7.78
N PRO A 155 -12.47 1.19 7.16
CA PRO A 155 -11.27 1.75 6.57
C PRO A 155 -10.09 1.78 7.53
N LEU A 156 -8.91 1.59 6.98
CA LEU A 156 -7.67 1.53 7.75
C LEU A 156 -7.33 2.90 8.36
N THR A 157 -6.82 2.89 9.59
CA THR A 157 -6.31 4.08 10.27
C THR A 157 -4.87 3.84 10.70
N TRP A 158 -4.16 4.93 11.03
CA TRP A 158 -2.78 4.79 11.53
C TRP A 158 -2.82 4.05 12.87
N GLY A 159 -3.87 4.21 13.65
CA GLY A 159 -3.94 3.52 14.94
C GLY A 159 -4.05 2.00 14.82
N ASP A 160 -4.42 1.54 13.66
CA ASP A 160 -4.54 0.11 13.35
C ASP A 160 -3.17 -0.51 13.05
N LEU A 161 -2.15 0.29 12.83
CA LEU A 161 -0.89 -0.17 12.26
C LEU A 161 0.21 -0.21 13.32
N ASP A 162 1.08 -1.18 13.12
CA ASP A 162 2.38 -1.28 13.82
C ASP A 162 3.52 -1.27 12.79
N VAL A 163 4.59 -0.54 13.01
N VAL A 163 4.61 -0.58 13.09
CA VAL A 163 5.77 -0.61 12.09
CA VAL A 163 5.85 -0.72 12.28
C VAL A 163 6.44 -1.98 12.28
C VAL A 163 6.24 -2.19 12.34
N VAL A 164 6.67 -2.69 11.18
CA VAL A 164 7.29 -4.04 11.17
C VAL A 164 8.72 -4.03 10.62
N ASP A 165 9.04 -3.11 9.71
N ASP A 165 9.02 -3.07 9.74
CA ASP A 165 10.42 -3.05 9.18
CA ASP A 165 10.34 -2.97 9.10
C ASP A 165 10.60 -1.70 8.47
C ASP A 165 10.60 -1.56 8.64
N THR A 166 11.85 -1.35 8.25
CA THR A 166 12.28 -0.14 7.54
C THR A 166 13.43 -0.56 6.63
N ALA A 167 13.66 0.27 5.62
CA ALA A 167 14.84 0.19 4.75
C ALA A 167 15.33 1.58 4.37
N GLY A 168 16.61 1.68 4.07
CA GLY A 168 17.26 2.89 3.60
C GLY A 168 17.21 2.99 2.09
N ASP A 169 18.27 3.55 1.53
CA ASP A 169 18.31 3.80 0.08
C ASP A 169 18.69 2.47 -0.57
N ILE A 170 17.79 1.99 -1.36
CA ILE A 170 17.89 0.69 -2.10
C ILE A 170 18.11 1.03 -3.56
N ILE A 171 19.10 0.40 -4.20
CA ILE A 171 19.33 0.62 -5.65
C ILE A 171 18.30 -0.22 -6.43
N VAL A 172 17.71 0.38 -7.42
CA VAL A 172 16.69 -0.32 -8.23
C VAL A 172 17.39 -1.40 -9.07
N GLY A 173 16.69 -2.50 -9.30
CA GLY A 173 17.19 -3.55 -10.20
C GLY A 173 17.31 -3.10 -11.64
N ASP A 174 17.98 -3.90 -12.47
CA ASP A 174 18.13 -3.59 -13.91
C ASP A 174 16.78 -3.74 -14.59
N ASP A 175 15.82 -4.40 -13.93
CA ASP A 175 14.44 -4.50 -14.47
C ASP A 175 13.51 -3.42 -13.90
N LYS A 176 14.07 -2.41 -13.22
CA LYS A 176 13.33 -1.24 -12.67
C LYS A 176 12.40 -1.72 -11.58
N LYS A 177 12.77 -2.78 -10.88
CA LYS A 177 12.06 -3.13 -9.63
C LYS A 177 12.99 -3.03 -8.43
N TYR A 178 12.40 -2.52 -7.36
CA TYR A 178 13.11 -2.60 -6.06
C TYR A 178 12.76 -3.91 -5.37
N ARG A 179 13.77 -4.61 -4.84
N ARG A 179 13.74 -4.62 -4.78
CA ARG A 179 13.60 -5.87 -4.07
CA ARG A 179 13.52 -5.93 -4.11
C ARG A 179 14.04 -5.63 -2.65
C ARG A 179 14.06 -5.88 -2.68
N ILE A 180 13.14 -5.88 -1.70
CA ILE A 180 13.44 -5.60 -0.29
C ILE A 180 13.00 -6.79 0.55
N LYS A 181 13.94 -7.43 1.25
CA LYS A 181 13.59 -8.50 2.18
C LYS A 181 13.08 -7.83 3.46
N ILE A 182 11.84 -8.15 3.83
CA ILE A 182 11.25 -7.60 5.07
C ILE A 182 10.92 -8.72 6.04
N THR A 183 11.10 -8.45 7.33
CA THR A 183 10.72 -9.37 8.42
C THR A 183 9.27 -9.10 8.81
N LEU A 184 8.45 -10.13 8.85
CA LEU A 184 7.06 -10.06 9.32
C LEU A 184 6.92 -11.00 10.52
N PRO A 185 5.92 -10.75 11.36
CA PRO A 185 5.70 -11.59 12.53
C PRO A 185 5.26 -13.03 12.17
N ALA A 186 5.95 -13.99 12.79
CA ALA A 186 5.65 -15.41 12.60
C ALA A 186 4.47 -15.83 13.46
N ASP A 187 3.98 -14.96 14.33
N ASP A 187 3.97 -14.92 14.29
CA ASP A 187 2.81 -15.27 15.19
CA ASP A 187 2.86 -15.17 15.21
C ASP A 187 1.47 -14.94 14.52
C ASP A 187 1.53 -14.69 14.60
N ARG A 188 1.47 -14.44 13.29
CA ARG A 188 0.20 -14.09 12.66
C ARG A 188 -0.27 -15.18 11.69
N ALA A 189 -1.58 -15.48 11.72
CA ALA A 189 -2.18 -16.49 10.83
C ALA A 189 -3.51 -15.99 10.23
N ASP A 190 -3.71 -14.70 10.31
CA ASP A 190 -4.98 -14.05 9.91
C ASP A 190 -4.76 -13.23 8.64
N SER A 191 -5.82 -12.56 8.21
N SER A 191 -5.82 -12.55 8.23
CA SER A 191 -5.69 -11.60 7.09
CA SER A 191 -5.70 -11.61 7.11
C SER A 191 -5.34 -10.22 7.64
C SER A 191 -5.17 -10.30 7.69
N ALA A 192 -4.61 -9.45 6.85
CA ALA A 192 -4.09 -8.17 7.26
C ALA A 192 -3.85 -7.29 6.07
N VAL A 193 -3.53 -6.06 6.36
CA VAL A 193 -3.05 -5.09 5.36
C VAL A 193 -1.60 -4.76 5.69
N LEU A 194 -0.73 -4.97 4.72
CA LEU A 194 0.64 -4.49 4.67
C LEU A 194 0.61 -3.09 4.08
N TYR A 195 1.10 -2.13 4.81
CA TYR A 195 1.10 -0.74 4.35
C TYR A 195 2.55 -0.33 4.06
N THR A 196 2.87 -0.12 2.80
CA THR A 196 4.21 0.25 2.35
C THR A 196 4.28 1.75 2.07
N ARG A 197 5.27 2.41 2.68
CA ARG A 197 5.57 3.81 2.46
C ARG A 197 6.95 3.96 1.86
N TRP A 198 6.99 4.55 0.66
CA TRP A 198 8.26 4.82 -0.03
C TRP A 198 8.41 6.33 -0.10
N GLN A 199 9.37 6.85 0.64
CA GLN A 199 9.47 8.32 0.87
C GLN A 199 10.70 8.88 0.17
N ARG A 200 10.51 9.82 -0.74
CA ARG A 200 11.66 10.54 -1.31
C ARG A 200 12.24 11.53 -0.30
N GLU A 201 13.56 11.68 -0.30
N GLU A 201 13.58 11.53 -0.24
CA GLU A 201 14.25 12.64 0.60
CA GLU A 201 14.36 12.55 0.47
C GLU A 201 14.66 13.89 -0.17
C GLU A 201 14.61 13.72 -0.48
N ASP A 202 13.64 14.64 -0.58
CA ASP A 202 13.78 15.83 -1.45
C ASP A 202 12.88 16.93 -0.85
N ALA A 203 12.98 18.15 -1.38
CA ALA A 203 12.29 19.33 -0.84
C ALA A 203 10.77 19.12 -0.88
N ALA A 204 10.27 18.53 -1.95
CA ALA A 204 8.81 18.46 -2.16
C ALA A 204 8.22 17.41 -1.21
N GLY A 205 9.01 16.42 -0.88
CA GLY A 205 8.60 15.31 0.00
C GLY A 205 7.59 14.34 -0.58
N GLU A 206 7.74 14.01 -1.86
N GLU A 206 7.63 14.05 -1.87
CA GLU A 206 6.84 13.01 -2.48
CA GLU A 206 6.64 13.11 -2.47
C GLU A 206 7.02 11.68 -1.75
C GLU A 206 6.95 11.68 -2.00
N GLY A 207 5.91 11.04 -1.47
CA GLY A 207 5.94 9.67 -1.01
C GLY A 207 4.80 8.87 -1.56
N PHE A 208 5.04 7.56 -1.67
CA PHE A 208 4.07 6.59 -2.24
C PHE A 208 3.63 5.65 -1.14
N TYR A 209 2.33 5.44 -1.03
CA TYR A 209 1.65 4.73 0.06
C TYR A 209 0.79 3.66 -0.57
N ASN A 210 1.06 2.40 -0.31
CA ASN A 210 0.23 1.33 -0.88
C ASN A 210 -0.27 0.36 0.20
N CYS A 211 -1.61 0.16 0.28
N CYS A 211 -1.51 -0.01 0.10
CA CYS A 211 -2.37 -0.96 0.95
CA CYS A 211 -2.07 -1.10 0.89
C CYS A 211 -2.01 -2.27 0.14
C CYS A 211 -2.10 -2.39 0.11
N SER A 212 -1.56 -3.42 0.75
CA SER A 212 -1.55 -4.78 0.14
C SER A 212 -2.35 -5.70 1.06
N ASP A 213 -3.39 -6.29 0.55
CA ASP A 213 -4.17 -7.26 1.35
C ASP A 213 -3.50 -8.64 1.32
N ILE A 214 -3.23 -9.16 2.52
CA ILE A 214 -2.50 -10.44 2.65
C ILE A 214 -3.26 -11.38 3.58
N ALA A 215 -2.95 -12.64 3.38
CA ALA A 215 -3.53 -13.73 4.20
C ALA A 215 -2.35 -14.55 4.65
N PHE A 216 -2.05 -14.47 5.93
CA PHE A 216 -0.95 -15.28 6.51
C PHE A 216 -1.41 -16.73 6.55
N ASP A 217 -0.57 -17.63 6.06
CA ASP A 217 -0.92 -19.06 6.01
C ASP A 217 0.33 -19.87 6.20
C1 PEG B . -3.08 -10.42 -10.33
O1 PEG B . -4.19 -10.06 -11.15
C2 PEG B . -3.17 -9.83 -8.97
O2 PEG B . -2.13 -10.34 -8.14
C3 PEG B . -2.57 -11.38 -7.28
C4 PEG B . -3.21 -10.80 -6.05
O4 PEG B . -3.88 -11.76 -5.26
C1 PEG C . -15.80 9.32 -10.80
O1 PEG C . -15.78 9.98 -12.04
C2 PEG C . -17.06 8.55 -10.58
O2 PEG C . -17.01 7.36 -11.37
C3 PEG C . -18.06 6.44 -11.13
C4 PEG C . -17.96 5.32 -12.12
O4 PEG C . -18.83 5.50 -13.21
C1 PEG D . 13.11 9.15 9.50
O1 PEG D . 12.91 8.88 10.87
C2 PEG D . 14.51 8.88 9.07
O2 PEG D . 14.51 7.79 8.16
C3 PEG D . 15.70 7.74 7.36
C4 PEG D . 16.41 6.47 7.63
O4 PEG D . 17.30 6.14 6.58
CU CU E . 7.77 9.15 -9.25
#